data_7Y48
#
_entry.id   7Y48
#
_cell.length_a   1.00
_cell.length_b   1.00
_cell.length_c   1.00
_cell.angle_alpha   90.00
_cell.angle_beta   90.00
_cell.angle_gamma   90.00
#
_symmetry.space_group_name_H-M   'P 1'
#
loop_
_entity.id
_entity.type
_entity.pdbx_description
1 polymer 'ATP-binding cassette sub-family B member 10, mitochondrial'
2 non-polymer CHOLESTEROL
3 non-polymer 'Biliverdine IX Alpha'
#
_entity_poly.entity_id   1
_entity_poly.type   'polypeptide(L)'
_entity_poly.pdbx_seq_one_letter_code
;MAGLPEARKLLGLAYPERRRLAAAVGFLTMSSVISMSAPFFLGKIIDVIYTNPTVDYSDNLTRLCLGLSAVFLCGAAANA
IRVYLMQTSGQRIVNRLRTSLFSSILRQEVAFFDKTRTGELINRLSSDTALLGRSVTENLSDGLRAGAQASVGISMMFFV
SPNLATFVLSVVPPVSIIAVIYGRYLRKLTKVTQDSLAQATQLAEERIGNVRTVRAFGKEMTEIEKYASKVDHVMQLARK
EAFARAGFFGATGLSGNLIVLSVLYKGGLLMGSAHMTVGELSSFLMYAFWVGISIGGLSSFYSELMKGLGAGGRLWELLE
REPKLPFNEGVILNEKSFQGALEFKNVHFAYPARPEVPIFQDFSLSIPSGSVTALVGPSGSGKSTVLSLLLRLYDPASGT
ISLDGHDIRQLNPVWLRSKIGTVSQEPILFSCSIAENIAYGADDPSSVTAEEIQRVAEVANAVAFIRNFPQGFNTVVGEK
GVLLSGGQKQRIAIARALLKNPKILLLDQATSALDAENEYLVQEALDRLMDGRTVLVIAHRLSTIKNANMVAVLDQGKIT
EYGKHEELLSKPNGIYRKLMNKQSFISAENLYFQGDYKDDDDKHHHHHHHHHH
;
_entity_poly.pdbx_strand_id   B
#
loop_
_chem_comp.id
_chem_comp.type
_chem_comp.name
_chem_comp.formula
CLR non-polymer CHOLESTEROL 'C27 H46 O'
IE5 non-polymer 'Biliverdine IX Alpha' 'C33 H34 N4 O6'
#
# COMPACT_ATOMS: atom_id res chain seq x y z
N PRO A 5 15.97 -7.63 18.56
CA PRO A 5 15.03 -8.27 17.64
C PRO A 5 15.12 -7.70 16.23
N GLU A 6 15.35 -6.38 16.13
CA GLU A 6 15.46 -5.75 14.81
C GLU A 6 16.63 -6.31 14.02
N ALA A 7 17.78 -6.49 14.67
CA ALA A 7 18.94 -7.05 13.98
C ALA A 7 18.67 -8.47 13.51
N ARG A 8 18.04 -9.29 14.36
CA ARG A 8 17.73 -10.66 13.97
C ARG A 8 16.75 -10.69 12.80
N LYS A 9 15.75 -9.81 12.82
CA LYS A 9 14.79 -9.77 11.72
C LYS A 9 15.46 -9.33 10.42
N LEU A 10 16.35 -8.33 10.51
CA LEU A 10 17.06 -7.89 9.31
C LEU A 10 17.94 -9.00 8.76
N LEU A 11 18.62 -9.74 9.64
CA LEU A 11 19.42 -10.86 9.19
C LEU A 11 18.56 -11.92 8.53
N GLY A 12 17.38 -12.19 9.10
CA GLY A 12 16.47 -13.14 8.48
C GLY A 12 16.04 -12.68 7.09
N LEU A 13 15.81 -11.38 6.93
CA LEU A 13 15.44 -10.84 5.62
C LEU A 13 16.57 -10.96 4.63
N ALA A 14 17.79 -10.75 5.08
CA ALA A 14 18.95 -10.81 4.20
C ALA A 14 19.45 -12.23 3.93
N TYR A 15 19.01 -13.21 4.72
CA TYR A 15 19.53 -14.57 4.58
C TYR A 15 19.44 -15.14 3.18
N PRO A 16 18.31 -15.07 2.47
CA PRO A 16 18.23 -15.73 1.16
C PRO A 16 19.19 -15.17 0.11
N GLU A 17 19.72 -13.96 0.30
CA GLU A 17 20.55 -13.31 -0.70
C GLU A 17 22.00 -13.17 -0.26
N ARG A 18 22.47 -14.06 0.62
CA ARG A 18 23.82 -13.95 1.16
C ARG A 18 24.88 -14.22 0.10
N ARG A 19 24.66 -15.24 -0.74
CA ARG A 19 25.65 -15.60 -1.74
C ARG A 19 25.86 -14.49 -2.77
N ARG A 20 24.89 -13.57 -2.86
CA ARG A 20 24.97 -12.42 -3.79
C ARG A 20 25.44 -11.15 -3.09
N LEU A 21 25.09 -10.94 -1.83
CA LEU A 21 25.58 -9.80 -1.07
C LEU A 21 27.08 -9.92 -0.78
N ALA A 22 27.55 -11.14 -0.51
CA ALA A 22 28.98 -11.33 -0.27
C ALA A 22 29.80 -10.94 -1.49
N ALA A 23 29.36 -11.37 -2.68
CA ALA A 23 30.06 -11.00 -3.90
C ALA A 23 30.02 -9.50 -4.13
N ALA A 24 28.87 -8.87 -3.86
CA ALA A 24 28.78 -7.42 -4.02
C ALA A 24 29.79 -6.71 -3.13
N VAL A 25 29.89 -7.13 -1.86
CA VAL A 25 30.84 -6.50 -0.94
C VAL A 25 32.27 -6.74 -1.43
N GLY A 26 32.57 -7.96 -1.86
CA GLY A 26 33.91 -8.25 -2.35
C GLY A 26 34.31 -7.35 -3.51
N PHE A 27 33.41 -7.13 -4.46
CA PHE A 27 33.73 -6.28 -5.59
C PHE A 27 33.84 -4.81 -5.18
N LEU A 28 32.99 -4.38 -4.27
CA LEU A 28 33.07 -3.03 -3.76
C LEU A 28 34.43 -2.76 -3.19
N THR A 29 34.91 -3.67 -2.37
CA THR A 29 36.20 -3.45 -1.70
C THR A 29 37.29 -3.13 -2.71
N MET A 30 37.41 -3.95 -3.76
CA MET A 30 38.46 -3.72 -4.76
C MET A 30 38.24 -2.41 -5.50
N SER A 31 36.99 -2.10 -5.86
CA SER A 31 36.73 -0.83 -6.54
C SER A 31 37.18 0.34 -5.69
N SER A 32 36.82 0.32 -4.40
CA SER A 32 37.22 1.41 -3.51
C SER A 32 38.73 1.49 -3.37
N VAL A 33 39.39 0.33 -3.30
CA VAL A 33 40.85 0.33 -3.16
C VAL A 33 41.49 1.03 -4.35
N ILE A 34 41.09 0.71 -5.56
CA ILE A 34 41.70 1.22 -6.76
C ILE A 34 41.42 2.68 -6.99
N SER A 35 40.39 3.18 -6.38
CA SER A 35 39.98 4.55 -6.55
C SER A 35 40.54 5.44 -5.51
N MET A 36 41.16 4.87 -4.50
CA MET A 36 41.77 5.64 -3.47
C MET A 36 43.22 5.51 -3.71
N SER A 37 43.60 4.52 -4.47
CA SER A 37 45.00 4.43 -4.84
C SER A 37 45.38 5.34 -6.01
N ALA A 38 44.43 5.70 -6.87
CA ALA A 38 44.76 6.48 -8.06
C ALA A 38 45.57 7.74 -7.80
N PRO A 39 45.22 8.59 -6.82
CA PRO A 39 45.94 9.87 -6.66
C PRO A 39 47.43 9.72 -6.44
N PHE A 40 47.86 8.69 -5.72
CA PHE A 40 49.28 8.44 -5.52
C PHE A 40 50.01 8.31 -6.85
N PHE A 41 49.44 7.50 -7.76
CA PHE A 41 50.07 7.30 -9.06
C PHE A 41 50.01 8.55 -9.92
N LEU A 42 48.91 9.31 -9.84
CA LEU A 42 48.86 10.57 -10.57
C LEU A 42 49.96 11.51 -10.11
N GLY A 43 50.18 11.61 -8.80
CA GLY A 43 51.26 12.43 -8.29
C GLY A 43 52.63 11.93 -8.73
N LYS A 44 52.81 10.61 -8.75
CA LYS A 44 54.06 10.06 -9.26
C LYS A 44 54.31 10.49 -10.70
N ILE A 45 53.30 10.41 -11.55
CA ILE A 45 53.46 10.84 -12.94
C ILE A 45 53.81 12.32 -13.01
N ILE A 46 53.08 13.14 -12.25
CA ILE A 46 53.32 14.58 -12.29
C ILE A 46 54.76 14.90 -11.87
N ASP A 47 55.25 14.23 -10.82
CA ASP A 47 56.63 14.44 -10.40
C ASP A 47 57.61 13.91 -11.45
N VAL A 48 57.23 12.87 -12.19
CA VAL A 48 58.09 12.38 -13.26
C VAL A 48 58.26 13.45 -14.33
N ILE A 49 57.18 14.12 -14.70
CA ILE A 49 57.25 15.11 -15.78
C ILE A 49 58.02 16.35 -15.33
N TYR A 50 57.69 16.88 -14.15
CA TYR A 50 58.07 18.25 -13.80
C TYR A 50 59.08 18.39 -12.67
N THR A 51 59.44 17.30 -12.00
CA THR A 51 60.38 17.37 -10.88
C THR A 51 61.72 16.80 -11.34
N ASN A 52 62.68 17.70 -11.59
CA ASN A 52 64.02 17.33 -12.04
C ASN A 52 63.95 16.37 -13.23
N PRO A 53 63.34 16.77 -14.34
CA PRO A 53 63.22 15.85 -15.48
C PRO A 53 64.57 15.48 -16.05
N THR A 54 64.66 14.24 -16.53
CA THR A 54 65.88 13.72 -17.11
C THR A 54 65.91 14.01 -18.61
N VAL A 55 66.97 13.54 -19.28
CA VAL A 55 67.11 13.78 -20.71
C VAL A 55 66.03 13.05 -21.48
N ASP A 56 65.78 11.79 -21.09
CA ASP A 56 64.78 10.95 -21.77
C ASP A 56 63.76 10.39 -20.79
N TYR A 57 62.70 11.14 -20.54
CA TYR A 57 61.66 10.74 -19.60
C TYR A 57 60.40 10.24 -20.28
N SER A 58 60.41 10.12 -21.62
CA SER A 58 59.19 9.79 -22.34
C SER A 58 58.78 8.34 -22.15
N ASP A 59 59.79 7.46 -22.10
CA ASP A 59 59.56 6.05 -21.93
C ASP A 59 58.77 5.75 -20.67
N ASN A 60 59.18 6.34 -19.57
CA ASN A 60 58.52 6.14 -18.28
C ASN A 60 57.08 6.61 -18.33
N LEU A 61 56.82 7.72 -19.01
CA LEU A 61 55.45 8.19 -19.16
C LEU A 61 54.57 7.14 -19.80
N THR A 62 55.03 6.58 -20.93
CA THR A 62 54.23 5.57 -21.63
C THR A 62 53.99 4.35 -20.76
N ARG A 63 55.05 3.87 -20.08
CA ARG A 63 54.90 2.68 -19.25
C ARG A 63 53.89 2.91 -18.12
N LEU A 64 54.03 4.02 -17.40
CA LEU A 64 53.13 4.30 -16.29
C LEU A 64 51.70 4.51 -16.77
N CYS A 65 51.52 5.22 -17.89
CA CYS A 65 50.18 5.43 -18.41
C CYS A 65 49.53 4.12 -18.81
N LEU A 66 50.29 3.22 -19.44
CA LEU A 66 49.75 1.92 -19.80
C LEU A 66 49.34 1.14 -18.55
N GLY A 67 50.15 1.18 -17.51
CA GLY A 67 49.78 0.49 -16.28
C GLY A 67 48.49 1.03 -15.67
N LEU A 68 48.38 2.35 -15.58
CA LEU A 68 47.17 2.93 -15.00
C LEU A 68 45.94 2.63 -15.87
N SER A 69 46.11 2.66 -17.19
CA SER A 69 45.01 2.30 -18.08
C SER A 69 44.56 0.87 -17.84
N ALA A 70 45.51 -0.04 -17.63
CA ALA A 70 45.15 -1.42 -17.34
C ALA A 70 44.38 -1.52 -16.03
N VAL A 71 44.80 -0.78 -15.00
CA VAL A 71 44.14 -0.86 -13.69
C VAL A 71 42.71 -0.33 -13.77
N PHE A 72 42.51 0.78 -14.48
CA PHE A 72 41.20 1.42 -14.49
C PHE A 72 40.10 0.50 -15.05
N LEU A 73 40.44 -0.32 -16.04
CA LEU A 73 39.45 -1.23 -16.62
C LEU A 73 38.93 -2.21 -15.58
N CYS A 74 39.83 -2.80 -14.80
CA CYS A 74 39.42 -3.70 -13.73
C CYS A 74 38.55 -2.98 -12.71
N GLY A 75 38.94 -1.76 -12.35
CA GLY A 75 38.13 -0.99 -11.42
C GLY A 75 36.70 -0.81 -11.93
N ALA A 76 36.57 -0.43 -13.20
CA ALA A 76 35.24 -0.21 -13.77
C ALA A 76 34.42 -1.51 -13.80
N ALA A 77 35.07 -2.62 -14.17
CA ALA A 77 34.35 -3.90 -14.18
C ALA A 77 33.81 -4.24 -12.79
N ALA A 78 34.65 -4.08 -11.77
CA ALA A 78 34.20 -4.36 -10.41
C ALA A 78 33.03 -3.47 -10.02
N ASN A 79 33.12 -2.18 -10.37
CA ASN A 79 32.02 -1.26 -10.04
C ASN A 79 30.72 -1.71 -10.69
N ALA A 80 30.76 -2.09 -11.97
CA ALA A 80 29.55 -2.51 -12.66
C ALA A 80 28.94 -3.76 -12.03
N ILE A 81 29.79 -4.74 -11.71
CA ILE A 81 29.26 -5.97 -11.10
C ILE A 81 28.61 -5.68 -9.76
N ARG A 82 29.24 -4.83 -8.94
CA ARG A 82 28.65 -4.45 -7.67
C ARG A 82 27.30 -3.83 -7.90
N VAL A 83 27.23 -2.87 -8.81
CA VAL A 83 25.97 -2.16 -9.04
C VAL A 83 24.86 -3.15 -9.37
N TYR A 84 25.13 -4.05 -10.32
CA TYR A 84 24.10 -5.00 -10.74
C TYR A 84 23.63 -5.85 -9.57
N LEU A 85 24.55 -6.47 -8.85
CA LEU A 85 24.18 -7.39 -7.76
C LEU A 85 23.51 -6.71 -6.58
N MET A 86 23.91 -5.50 -6.25
CA MET A 86 23.25 -4.77 -5.18
C MET A 86 21.84 -4.33 -5.59
N GLN A 87 21.66 -3.92 -6.84
CA GLN A 87 20.34 -3.47 -7.26
C GLN A 87 19.37 -4.63 -7.44
N THR A 88 19.86 -5.83 -7.77
CA THR A 88 18.95 -6.97 -7.90
C THR A 88 18.52 -7.52 -6.54
N SER A 89 19.41 -7.49 -5.55
CA SER A 89 19.04 -8.05 -4.25
C SER A 89 17.84 -7.34 -3.64
N GLY A 90 17.80 -6.01 -3.74
CA GLY A 90 16.71 -5.26 -3.18
C GLY A 90 15.37 -5.59 -3.81
N GLN A 91 15.35 -5.74 -5.14
CA GLN A 91 14.12 -6.13 -5.81
C GLN A 91 13.67 -7.51 -5.36
N ARG A 92 14.61 -8.45 -5.22
CA ARG A 92 14.23 -9.78 -4.76
C ARG A 92 13.65 -9.74 -3.36
N ILE A 93 14.16 -8.86 -2.49
CA ILE A 93 13.61 -8.75 -1.14
C ILE A 93 12.22 -8.11 -1.17
N VAL A 94 12.05 -7.02 -1.90
CA VAL A 94 10.77 -6.32 -1.92
C VAL A 94 9.65 -7.14 -2.54
N ASN A 95 9.94 -7.99 -3.52
CA ASN A 95 8.88 -8.85 -4.06
C ASN A 95 8.31 -9.76 -2.96
N ARG A 96 9.20 -10.41 -2.21
CA ARG A 96 8.75 -11.29 -1.13
C ARG A 96 8.00 -10.51 -0.07
N LEU A 97 8.50 -9.32 0.29
CA LEU A 97 7.80 -8.50 1.27
C LEU A 97 6.38 -8.20 0.83
N ARG A 98 6.20 -7.80 -0.43
CA ARG A 98 4.88 -7.47 -0.95
C ARG A 98 3.94 -8.66 -0.95
N THR A 99 4.44 -9.82 -1.39
CA THR A 99 3.58 -11.00 -1.42
C THR A 99 3.16 -11.40 -0.02
N SER A 100 4.11 -11.45 0.92
CA SER A 100 3.78 -11.85 2.27
C SER A 100 2.81 -10.88 2.93
N LEU A 101 3.01 -9.60 2.74
CA LEU A 101 2.12 -8.63 3.35
C LEU A 101 0.72 -8.84 2.82
N PHE A 102 0.57 -8.88 1.50
CA PHE A 102 -0.77 -9.01 0.94
C PHE A 102 -1.45 -10.29 1.43
N SER A 103 -0.70 -11.40 1.47
CA SER A 103 -1.30 -12.65 1.95
C SER A 103 -1.75 -12.53 3.39
N SER A 104 -0.95 -11.86 4.23
CA SER A 104 -1.35 -11.66 5.62
C SER A 104 -2.58 -10.78 5.73
N ILE A 105 -2.62 -9.69 4.95
CA ILE A 105 -3.74 -8.76 5.05
C ILE A 105 -5.05 -9.42 4.62
N LEU A 106 -5.02 -10.19 3.53
CA LEU A 106 -6.26 -10.68 2.95
C LEU A 106 -6.85 -11.86 3.70
N ARG A 107 -6.39 -12.17 4.91
CA ARG A 107 -6.93 -13.29 5.69
C ARG A 107 -7.34 -12.87 7.09
N GLN A 108 -7.65 -11.59 7.29
CA GLN A 108 -8.08 -11.09 8.59
C GLN A 108 -9.59 -11.16 8.71
N GLU A 109 -10.11 -10.68 9.83
CA GLU A 109 -11.54 -10.63 10.06
C GLU A 109 -12.11 -9.28 9.62
N VAL A 110 -13.43 -9.16 9.64
CA VAL A 110 -14.07 -7.97 9.10
C VAL A 110 -14.01 -6.80 10.07
N ALA A 111 -13.94 -7.09 11.37
CA ALA A 111 -13.82 -6.02 12.36
C ALA A 111 -12.54 -5.23 12.14
N PHE A 112 -11.45 -5.92 11.78
CA PHE A 112 -10.20 -5.24 11.52
C PHE A 112 -10.34 -4.22 10.39
N PHE A 113 -11.09 -4.57 9.37
CA PHE A 113 -11.31 -3.63 8.28
C PHE A 113 -12.28 -2.53 8.68
N ASP A 114 -13.11 -2.78 9.67
CA ASP A 114 -14.03 -1.77 10.16
C ASP A 114 -13.31 -0.67 10.92
N LYS A 115 -12.37 -1.05 11.78
CA LYS A 115 -11.60 -0.07 12.53
C LYS A 115 -10.51 0.53 11.67
N THR A 116 -9.96 -0.23 10.73
CA THR A 116 -8.82 0.30 9.98
C THR A 116 -9.21 0.82 8.61
N ARG A 117 -8.43 1.75 8.07
CA ARG A 117 -8.71 2.38 6.80
C ARG A 117 -7.90 1.73 5.69
N THR A 118 -8.43 1.83 4.46
CA THR A 118 -7.74 1.24 3.31
C THR A 118 -6.53 2.07 2.90
N GLY A 119 -6.57 3.38 3.12
CA GLY A 119 -5.44 4.22 2.73
C GLY A 119 -4.16 3.83 3.45
N GLU A 120 -4.26 3.56 4.76
CA GLU A 120 -3.07 3.16 5.51
C GLU A 120 -2.51 1.84 5.00
N LEU A 121 -3.38 0.87 4.71
CA LEU A 121 -2.91 -0.41 4.19
C LEU A 121 -2.23 -0.24 2.84
N ILE A 122 -2.82 0.58 1.95
CA ILE A 122 -2.22 0.79 0.65
C ILE A 122 -0.88 1.50 0.77
N ASN A 123 -0.79 2.48 1.67
CA ASN A 123 0.47 3.19 1.88
C ASN A 123 1.55 2.23 2.39
N ARG A 124 1.19 1.37 3.34
CA ARG A 124 2.16 0.40 3.85
C ARG A 124 2.58 -0.57 2.76
N LEU A 125 1.67 -0.91 1.86
CA LEU A 125 1.99 -1.87 0.79
C LEU A 125 2.75 -1.23 -0.36
N SER A 126 2.72 0.09 -0.46
CA SER A 126 3.37 0.75 -1.58
C SER A 126 4.67 1.45 -1.22
N SER A 127 4.86 1.89 0.02
CA SER A 127 6.05 2.66 0.37
C SER A 127 6.91 2.00 1.44
N ASP A 128 6.30 1.43 2.47
CA ASP A 128 7.09 0.83 3.55
C ASP A 128 7.94 -0.31 3.02
N THR A 129 7.39 -1.08 2.09
CA THR A 129 8.11 -2.22 1.50
C THR A 129 9.33 -1.74 0.73
N ALA A 130 9.18 -0.62 0.01
CA ALA A 130 10.30 -0.06 -0.75
C ALA A 130 11.38 0.48 0.17
N LEU A 131 10.98 1.25 1.20
CA LEU A 131 11.97 1.81 2.11
C LEU A 131 12.73 0.72 2.85
N LEU A 132 12.01 -0.28 3.36
CA LEU A 132 12.68 -1.34 4.11
C LEU A 132 13.63 -2.13 3.22
N GLY A 133 13.21 -2.43 1.98
CA GLY A 133 14.08 -3.16 1.08
C GLY A 133 15.30 -2.37 0.66
N ARG A 134 15.13 -1.06 0.43
CA ARG A 134 16.25 -0.25 -0.05
C ARG A 134 17.23 0.10 1.05
N SER A 135 16.77 0.20 2.31
CA SER A 135 17.68 0.58 3.38
C SER A 135 18.81 -0.43 3.57
N VAL A 136 18.48 -1.72 3.53
CA VAL A 136 19.48 -2.75 3.81
C VAL A 136 20.48 -2.85 2.66
N THR A 137 20.00 -2.83 1.42
CA THR A 137 20.83 -3.17 0.26
C THR A 137 21.49 -1.95 -0.38
N GLU A 138 20.69 -1.00 -0.86
CA GLU A 138 21.22 0.14 -1.60
C GLU A 138 21.83 1.22 -0.72
N ASN A 139 21.72 1.07 0.60
CA ASN A 139 22.27 2.06 1.51
C ASN A 139 23.53 1.55 2.18
N LEU A 140 23.63 0.25 2.41
CA LEU A 140 24.84 -0.31 3.01
C LEU A 140 26.05 -0.08 2.11
N SER A 141 25.88 -0.19 0.80
CA SER A 141 27.00 0.07 -0.11
C SER A 141 27.47 1.52 0.00
N ASP A 142 26.54 2.47 0.05
CA ASP A 142 26.91 3.86 0.20
C ASP A 142 27.63 4.11 1.51
N GLY A 143 27.12 3.53 2.60
CA GLY A 143 27.79 3.68 3.88
C GLY A 143 29.19 3.11 3.88
N LEU A 144 29.36 1.93 3.29
CA LEU A 144 30.68 1.30 3.23
C LEU A 144 31.64 2.13 2.39
N ARG A 145 31.17 2.67 1.27
CA ARG A 145 32.01 3.53 0.44
C ARG A 145 32.42 4.79 1.19
N ALA A 146 31.49 5.40 1.90
CA ALA A 146 31.80 6.60 2.67
C ALA A 146 32.82 6.30 3.77
N GLY A 147 32.67 5.16 4.45
CA GLY A 147 33.64 4.80 5.47
C GLY A 147 34.99 4.42 4.91
N ALA A 148 35.03 3.90 3.68
CA ALA A 148 36.29 3.54 3.05
C ALA A 148 37.03 4.77 2.53
N GLN A 149 36.32 5.79 2.07
CA GLN A 149 36.96 7.00 1.58
C GLN A 149 37.20 8.03 2.68
N ALA A 150 36.86 7.74 3.92
CA ALA A 150 37.16 8.65 5.03
C ALA A 150 38.31 8.16 5.88
N SER A 151 38.61 6.87 5.80
CA SER A 151 39.71 6.31 6.57
C SER A 151 41.02 6.34 5.81
N VAL A 152 41.00 5.99 4.52
CA VAL A 152 42.22 6.06 3.72
C VAL A 152 42.70 7.49 3.57
N GLY A 153 41.77 8.45 3.51
CA GLY A 153 42.16 9.84 3.34
C GLY A 153 43.03 10.34 4.47
N ILE A 154 42.61 10.11 5.71
CA ILE A 154 43.38 10.59 6.85
C ILE A 154 44.72 9.89 6.93
N SER A 155 44.74 8.57 6.70
CA SER A 155 45.99 7.83 6.74
C SER A 155 46.96 8.35 5.69
N MET A 156 46.48 8.62 4.48
CA MET A 156 47.35 9.12 3.42
C MET A 156 47.82 10.54 3.71
N MET A 157 46.94 11.38 4.23
CA MET A 157 47.35 12.71 4.60
C MET A 157 48.46 12.72 5.66
N PHE A 158 48.35 11.85 6.65
CA PHE A 158 49.41 11.78 7.66
C PHE A 158 50.67 11.12 7.10
N PHE A 159 50.52 10.18 6.16
CA PHE A 159 51.68 9.57 5.52
C PHE A 159 52.46 10.59 4.70
N VAL A 160 51.76 11.47 3.99
CA VAL A 160 52.43 12.40 3.09
C VAL A 160 53.01 13.59 3.87
N SER A 161 52.16 14.27 4.66
CA SER A 161 52.57 15.47 5.36
C SER A 161 51.88 15.54 6.72
N PRO A 162 52.56 15.15 7.80
CA PRO A 162 51.95 15.29 9.12
C PRO A 162 51.65 16.73 9.50
N ASN A 163 52.46 17.69 9.07
CA ASN A 163 52.24 19.08 9.44
C ASN A 163 50.93 19.62 8.87
N LEU A 164 50.66 19.35 7.61
CA LEU A 164 49.47 19.86 6.99
C LEU A 164 48.23 19.00 7.31
N ALA A 165 48.41 17.77 7.80
CA ALA A 165 47.26 16.96 8.19
C ALA A 165 46.55 17.56 9.39
N THR A 166 47.30 18.02 10.39
CA THR A 166 46.69 18.64 11.56
C THR A 166 45.93 19.91 11.19
N PHE A 167 46.52 20.74 10.32
CA PHE A 167 45.86 21.96 9.90
C PHE A 167 44.56 21.66 9.14
N VAL A 168 44.58 20.68 8.26
CA VAL A 168 43.40 20.39 7.48
C VAL A 168 42.31 19.70 8.32
N LEU A 169 42.70 18.89 9.30
CA LEU A 169 41.73 18.23 10.15
C LEU A 169 40.99 19.18 11.07
N SER A 170 41.44 20.42 11.19
CA SER A 170 40.82 21.41 12.06
C SER A 170 39.94 22.41 11.31
N VAL A 171 39.61 22.13 10.04
CA VAL A 171 38.82 23.06 9.25
C VAL A 171 37.60 22.37 8.65
N VAL A 172 37.83 21.30 7.88
CA VAL A 172 36.75 20.72 7.07
C VAL A 172 35.60 20.19 7.94
N PRO A 173 35.84 19.40 8.97
CA PRO A 173 34.73 18.75 9.70
C PRO A 173 33.72 19.76 10.22
N PRO A 174 34.18 20.86 10.83
CA PRO A 174 33.22 21.87 11.30
C PRO A 174 32.34 22.41 10.18
N VAL A 175 32.93 22.68 9.01
CA VAL A 175 32.16 23.19 7.89
C VAL A 175 31.13 22.18 7.44
N SER A 176 31.53 20.91 7.35
CA SER A 176 30.59 19.87 6.93
C SER A 176 29.42 19.75 7.90
N ILE A 177 29.71 19.77 9.20
CA ILE A 177 28.66 19.64 10.20
C ILE A 177 27.70 20.83 10.14
N ILE A 178 28.25 22.04 10.02
CA ILE A 178 27.39 23.21 9.92
C ILE A 178 26.51 23.12 8.67
N ALA A 179 27.09 22.64 7.57
CA ALA A 179 26.31 22.51 6.33
C ALA A 179 25.15 21.54 6.51
N VAL A 180 25.40 20.39 7.14
CA VAL A 180 24.34 19.40 7.32
C VAL A 180 23.23 19.98 8.20
N ILE A 181 23.60 20.66 9.29
CA ILE A 181 22.59 21.24 10.18
C ILE A 181 21.74 22.25 9.43
N TYR A 182 22.40 23.14 8.71
CA TYR A 182 21.69 24.16 7.95
C TYR A 182 20.72 23.52 6.99
N GLY A 183 21.18 22.53 6.25
CA GLY A 183 20.32 21.85 5.30
C GLY A 183 19.08 21.25 5.95
N ARG A 184 19.24 20.65 7.13
CA ARG A 184 18.08 20.17 7.85
C ARG A 184 17.10 21.30 8.16
N TYR A 185 17.63 22.45 8.58
CA TYR A 185 16.77 23.62 8.83
C TYR A 185 15.99 24.01 7.58
N LEU A 186 16.68 24.04 6.43
CA LEU A 186 16.02 24.38 5.18
C LEU A 186 14.90 23.40 4.85
N ARG A 187 15.16 22.11 5.07
CA ARG A 187 14.12 21.11 4.82
C ARG A 187 12.90 21.36 5.69
N LYS A 188 13.12 21.70 6.97
CA LYS A 188 11.99 22.00 7.85
C LYS A 188 11.16 23.16 7.30
N LEU A 189 11.83 24.24 6.89
CA LEU A 189 11.10 25.39 6.36
C LEU A 189 10.29 24.99 5.11
N THR A 190 10.89 24.21 4.22
CA THR A 190 10.18 23.77 3.02
C THR A 190 8.95 22.95 3.39
N LYS A 191 9.07 22.07 4.38
CA LYS A 191 7.93 21.27 4.80
C LYS A 191 6.79 22.16 5.30
N VAL A 192 7.11 23.18 6.09
CA VAL A 192 6.07 24.08 6.59
C VAL A 192 5.35 24.76 5.43
N THR A 193 6.12 25.28 4.47
CA THR A 193 5.50 25.97 3.34
C THR A 193 4.60 25.02 2.55
N GLN A 194 5.07 23.78 2.33
CA GLN A 194 4.27 22.81 1.59
C GLN A 194 2.98 22.47 2.33
N ASP A 195 3.03 22.39 3.66
CA ASP A 195 1.81 22.13 4.42
C ASP A 195 0.80 23.25 4.21
N SER A 196 1.24 24.51 4.27
CA SER A 196 0.32 25.62 4.03
C SER A 196 -0.28 25.54 2.62
N LEU A 197 0.55 25.25 1.62
CA LEU A 197 0.05 25.16 0.26
C LEU A 197 -0.97 24.04 0.12
N ALA A 198 -0.72 22.91 0.78
CA ALA A 198 -1.66 21.79 0.72
C ALA A 198 -3.00 22.17 1.34
N GLN A 199 -2.98 22.92 2.45
CA GLN A 199 -4.23 23.42 3.02
C GLN A 199 -4.99 24.26 2.02
N ALA A 200 -4.29 25.19 1.36
CA ALA A 200 -4.96 26.06 0.39
C ALA A 200 -5.56 25.24 -0.75
N THR A 201 -4.81 24.26 -1.26
CA THR A 201 -5.30 23.44 -2.36
C THR A 201 -6.51 22.62 -1.94
N GLN A 202 -6.51 22.10 -0.71
CA GLN A 202 -7.67 21.36 -0.23
C GLN A 202 -8.91 22.25 -0.18
N LEU A 203 -8.76 23.47 0.33
CA LEU A 203 -9.91 24.37 0.35
C LEU A 203 -10.42 24.64 -1.07
N ALA A 204 -9.52 24.90 -2.01
CA ALA A 204 -9.94 25.15 -3.39
C ALA A 204 -10.70 23.97 -3.94
N GLU A 205 -10.14 22.78 -3.77
CA GLU A 205 -10.80 21.60 -4.32
C GLU A 205 -12.18 21.41 -3.70
N GLU A 206 -12.30 21.61 -2.40
CA GLU A 206 -13.61 21.45 -1.75
C GLU A 206 -14.62 22.44 -2.32
N ARG A 207 -14.21 23.69 -2.53
CA ARG A 207 -15.15 24.68 -3.05
C ARG A 207 -15.46 24.46 -4.52
N ILE A 208 -14.52 23.91 -5.29
CA ILE A 208 -14.80 23.62 -6.70
C ILE A 208 -15.74 22.43 -6.82
N GLY A 209 -15.62 21.45 -5.92
CA GLY A 209 -16.46 20.27 -6.02
C GLY A 209 -17.94 20.58 -5.92
N ASN A 210 -18.33 21.48 -5.03
CA ASN A 210 -19.72 21.87 -4.83
C ASN A 210 -19.89 23.29 -5.37
N VAL A 211 -20.35 23.38 -6.61
CA VAL A 211 -20.49 24.67 -7.28
C VAL A 211 -21.96 25.08 -7.31
N ARG A 212 -22.86 24.09 -7.39
CA ARG A 212 -24.28 24.40 -7.39
C ARG A 212 -24.70 25.08 -6.10
N THR A 213 -24.22 24.58 -4.96
CA THR A 213 -24.54 25.20 -3.68
C THR A 213 -23.96 26.60 -3.59
N VAL A 214 -22.75 26.80 -4.11
CA VAL A 214 -22.10 28.11 -4.07
C VAL A 214 -22.84 29.12 -4.92
N ARG A 215 -23.34 28.71 -6.07
CA ARG A 215 -24.08 29.62 -6.93
C ARG A 215 -25.49 29.88 -6.39
N ALA A 216 -26.09 28.88 -5.74
CA ALA A 216 -27.45 29.05 -5.24
C ALA A 216 -27.54 30.12 -4.17
N PHE A 217 -26.48 30.27 -3.36
CA PHE A 217 -26.47 31.23 -2.26
C PHE A 217 -25.78 32.54 -2.61
N GLY A 218 -25.35 32.73 -3.86
CA GLY A 218 -24.69 33.96 -4.24
C GLY A 218 -23.38 34.17 -3.53
N LYS A 219 -22.54 33.14 -3.49
CA LYS A 219 -21.31 33.11 -2.70
C LYS A 219 -20.13 32.77 -3.60
N GLU A 220 -19.97 33.49 -4.71
CA GLU A 220 -18.88 33.22 -5.65
C GLU A 220 -17.64 34.06 -5.39
N MET A 221 -17.75 35.17 -4.67
CA MET A 221 -16.62 36.06 -4.49
C MET A 221 -15.90 35.86 -3.16
N THR A 222 -16.63 35.46 -2.11
CA THR A 222 -16.00 35.21 -0.82
C THR A 222 -14.94 34.12 -0.92
N GLU A 223 -15.24 33.07 -1.67
CA GLU A 223 -14.26 32.01 -1.88
C GLU A 223 -13.02 32.54 -2.57
N ILE A 224 -13.21 33.40 -3.57
CA ILE A 224 -12.07 33.98 -4.28
C ILE A 224 -11.19 34.77 -3.31
N GLU A 225 -11.82 35.61 -2.47
CA GLU A 225 -11.05 36.41 -1.52
C GLU A 225 -10.32 35.52 -0.51
N LYS A 226 -10.97 34.48 -0.01
CA LYS A 226 -10.32 33.58 0.94
C LYS A 226 -9.13 32.88 0.31
N TYR A 227 -9.29 32.39 -0.93
CA TYR A 227 -8.18 31.76 -1.62
C TYR A 227 -7.02 32.75 -1.80
N ALA A 228 -7.34 34.00 -2.15
CA ALA A 228 -6.30 35.00 -2.30
C ALA A 228 -5.54 35.19 -1.01
N SER A 229 -6.27 35.31 0.12
CA SER A 229 -5.61 35.51 1.41
C SER A 229 -4.68 34.34 1.73
N LYS A 230 -5.14 33.12 1.47
CA LYS A 230 -4.32 31.95 1.70
C LYS A 230 -3.08 31.96 0.81
N VAL A 231 -3.19 32.46 -0.41
CA VAL A 231 -2.04 32.56 -1.31
C VAL A 231 -1.02 33.58 -0.78
N ASP A 232 -1.49 34.73 -0.30
CA ASP A 232 -0.55 35.69 0.29
C ASP A 232 0.15 35.09 1.50
N HIS A 233 -0.58 34.35 2.34
CA HIS A 233 0.07 33.71 3.48
C HIS A 233 1.19 32.77 3.01
N VAL A 234 0.91 31.98 1.96
CA VAL A 234 1.92 31.04 1.47
C VAL A 234 3.14 31.78 0.94
N MET A 235 2.91 32.87 0.20
CA MET A 235 4.04 33.64 -0.34
C MET A 235 4.89 34.24 0.77
N GLN A 236 4.24 34.78 1.80
CA GLN A 236 4.96 35.30 2.95
C GLN A 236 5.78 34.21 3.62
N LEU A 237 5.24 32.99 3.69
CA LEU A 237 6.01 31.88 4.23
C LEU A 237 7.24 31.58 3.35
N ALA A 238 7.06 31.62 2.03
CA ALA A 238 8.13 31.22 1.11
C ALA A 238 9.29 32.20 1.11
N ARG A 239 9.02 33.48 1.40
CA ARG A 239 10.10 34.46 1.42
C ARG A 239 11.22 34.04 2.37
N LYS A 240 10.86 33.49 3.54
CA LYS A 240 11.87 33.09 4.52
C LYS A 240 12.78 31.99 3.98
N GLU A 241 12.21 31.00 3.31
CA GLU A 241 13.02 29.96 2.74
C GLU A 241 13.92 30.53 1.64
N ALA A 242 13.42 31.48 0.87
CA ALA A 242 14.28 32.13 -0.11
C ALA A 242 15.49 32.76 0.56
N PHE A 243 15.27 33.48 1.66
CA PHE A 243 16.38 34.09 2.39
C PHE A 243 17.36 33.05 2.91
N ALA A 244 16.84 31.96 3.47
CA ALA A 244 17.72 30.93 4.02
C ALA A 244 18.58 30.29 2.93
N ARG A 245 17.99 29.99 1.77
CA ARG A 245 18.76 29.41 0.68
C ARG A 245 19.80 30.40 0.16
N ALA A 246 19.45 31.69 0.09
CA ALA A 246 20.45 32.68 -0.28
C ALA A 246 21.64 32.66 0.66
N GLY A 247 21.38 32.58 1.96
CA GLY A 247 22.48 32.50 2.91
C GLY A 247 23.34 31.27 2.71
N PHE A 248 22.69 30.11 2.54
CA PHE A 248 23.43 28.86 2.31
C PHE A 248 24.36 28.97 1.11
N PHE A 249 23.82 29.43 -0.02
CA PHE A 249 24.62 29.48 -1.25
C PHE A 249 25.66 30.59 -1.20
N GLY A 250 25.45 31.63 -0.39
CA GLY A 250 26.48 32.63 -0.21
C GLY A 250 27.62 32.17 0.68
N ALA A 251 27.33 31.29 1.64
CA ALA A 251 28.36 30.86 2.57
C ALA A 251 29.15 29.65 2.09
N THR A 252 28.47 28.65 1.54
CA THR A 252 29.15 27.39 1.20
C THR A 252 30.18 27.59 0.10
N GLY A 253 29.86 28.39 -0.91
CA GLY A 253 30.82 28.62 -1.98
C GLY A 253 32.09 29.30 -1.50
N LEU A 254 31.95 30.32 -0.66
CA LEU A 254 33.13 30.99 -0.10
C LEU A 254 33.93 30.02 0.76
N SER A 255 33.24 29.21 1.58
CA SER A 255 33.95 28.25 2.41
C SER A 255 34.74 27.27 1.56
N GLY A 256 34.16 26.79 0.46
CA GLY A 256 34.87 25.88 -0.42
C GLY A 256 36.04 26.54 -1.11
N ASN A 257 35.86 27.77 -1.58
CA ASN A 257 36.95 28.47 -2.28
C ASN A 257 38.12 28.75 -1.36
N LEU A 258 37.85 29.16 -0.12
CA LEU A 258 38.94 29.54 0.78
C LEU A 258 39.73 28.33 1.29
N ILE A 259 39.16 27.13 1.21
CA ILE A 259 39.88 25.95 1.68
C ILE A 259 41.02 25.60 0.73
N VAL A 260 40.78 25.70 -0.58
CA VAL A 260 41.82 25.35 -1.55
C VAL A 260 43.00 26.33 -1.45
N LEU A 261 42.71 27.62 -1.28
CA LEU A 261 43.77 28.62 -1.25
C LEU A 261 44.62 28.50 0.01
N SER A 262 44.01 28.12 1.14
CA SER A 262 44.76 28.02 2.39
C SER A 262 45.78 26.89 2.33
N VAL A 263 45.41 25.76 1.72
CA VAL A 263 46.33 24.63 1.63
C VAL A 263 47.54 24.98 0.77
N LEU A 264 47.30 25.68 -0.36
CA LEU A 264 48.41 26.08 -1.20
C LEU A 264 49.36 27.03 -0.48
N TYR A 265 48.81 28.00 0.26
CA TYR A 265 49.63 28.93 1.02
C TYR A 265 50.44 28.19 2.09
N LYS A 266 49.79 27.27 2.81
CA LYS A 266 50.46 26.58 3.90
C LYS A 266 51.55 25.65 3.39
N GLY A 267 51.28 24.91 2.32
CA GLY A 267 52.25 23.97 1.80
C GLY A 267 53.35 24.60 0.96
N GLY A 268 53.19 25.86 0.57
CA GLY A 268 54.22 26.56 -0.18
C GLY A 268 55.27 27.22 0.68
N LEU A 269 54.99 27.42 1.97
CA LEU A 269 55.93 28.02 2.90
C LEU A 269 56.76 26.97 3.65
N LEU A 270 56.50 25.70 3.42
CA LEU A 270 57.19 24.63 4.15
C LEU A 270 58.53 24.29 3.56
N MET A 271 59.61 24.70 4.20
CA MET A 271 60.93 24.50 3.67
C MET A 271 61.77 23.62 4.56
N GLY A 272 62.77 22.99 3.97
CA GLY A 272 63.62 22.09 4.72
C GLY A 272 63.18 20.64 4.60
N SER A 273 63.19 19.92 5.73
CA SER A 273 62.74 18.54 5.72
C SER A 273 61.26 18.45 5.35
N ALA A 274 60.44 19.37 5.84
CA ALA A 274 59.02 19.39 5.55
C ALA A 274 58.74 20.09 4.23
N HIS A 275 59.41 19.67 3.17
CA HIS A 275 59.24 20.24 1.84
C HIS A 275 58.43 19.28 0.98
N MET A 276 57.41 19.81 0.30
CA MET A 276 56.52 19.01 -0.52
C MET A 276 56.67 19.38 -1.99
N THR A 277 56.75 18.37 -2.85
CA THR A 277 56.75 18.58 -4.28
C THR A 277 55.31 18.77 -4.78
N VAL A 278 55.19 19.08 -6.08
CA VAL A 278 53.89 19.40 -6.64
C VAL A 278 52.96 18.21 -6.60
N GLY A 279 53.46 17.02 -6.96
CA GLY A 279 52.62 15.84 -6.94
C GLY A 279 52.10 15.51 -5.55
N GLU A 280 52.95 15.67 -4.54
CA GLU A 280 52.51 15.45 -3.17
C GLU A 280 51.40 16.42 -2.77
N LEU A 281 51.52 17.69 -3.17
CA LEU A 281 50.48 18.65 -2.86
C LEU A 281 49.17 18.29 -3.56
N SER A 282 49.26 17.84 -4.81
CA SER A 282 48.05 17.42 -5.53
C SER A 282 47.38 16.25 -4.82
N SER A 283 48.16 15.26 -4.40
CA SER A 283 47.62 14.12 -3.67
C SER A 283 46.95 14.58 -2.38
N PHE A 284 47.59 15.51 -1.66
CA PHE A 284 47.01 16.02 -0.42
C PHE A 284 45.67 16.68 -0.67
N LEU A 285 45.59 17.51 -1.72
CA LEU A 285 44.33 18.18 -2.04
C LEU A 285 43.23 17.16 -2.36
N MET A 286 43.57 16.16 -3.16
CA MET A 286 42.58 15.14 -3.52
C MET A 286 42.08 14.41 -2.28
N TYR A 287 42.98 14.02 -1.39
CA TYR A 287 42.57 13.29 -0.19
C TYR A 287 41.71 14.15 0.73
N ALA A 288 42.05 15.43 0.87
CA ALA A 288 41.22 16.32 1.67
C ALA A 288 39.80 16.42 1.10
N PHE A 289 39.62 16.62 -0.19
CA PHE A 289 38.32 16.58 -0.78
C PHE A 289 37.63 15.30 -0.47
N TRP A 290 38.30 14.17 -0.67
CA TRP A 290 37.63 12.90 -0.43
C TRP A 290 37.08 12.81 0.99
N VAL A 291 37.86 13.26 1.98
CA VAL A 291 37.38 13.22 3.36
C VAL A 291 36.16 14.11 3.53
N GLY A 292 36.22 15.31 2.97
CA GLY A 292 35.07 16.21 3.04
C GLY A 292 33.82 15.60 2.44
N ILE A 293 33.97 14.93 1.30
CA ILE A 293 32.82 14.24 0.71
C ILE A 293 32.34 13.11 1.63
N SER A 294 33.28 12.42 2.28
CA SER A 294 32.93 11.25 3.06
C SER A 294 32.04 11.60 4.25
N ILE A 295 32.31 12.72 4.91
CA ILE A 295 31.49 13.06 6.08
C ILE A 295 30.02 13.21 5.69
N GLY A 296 29.76 14.00 4.66
CA GLY A 296 28.40 14.18 4.20
C GLY A 296 27.79 12.89 3.69
N GLY A 297 28.59 12.04 3.04
CA GLY A 297 28.10 10.74 2.65
C GLY A 297 27.69 9.88 3.82
N LEU A 298 28.41 9.99 4.94
CA LEU A 298 28.10 9.18 6.11
C LEU A 298 26.81 9.63 6.79
N SER A 299 26.54 10.94 6.81
CA SER A 299 25.33 11.40 7.51
C SER A 299 24.05 10.80 6.90
N SER A 300 23.96 10.80 5.57
CA SER A 300 22.76 10.30 4.90
C SER A 300 22.53 8.83 5.20
N PHE A 301 23.60 8.05 5.38
CA PHE A 301 23.44 6.65 5.70
C PHE A 301 22.67 6.47 7.00
N TYR A 302 23.05 7.21 8.04
CA TYR A 302 22.34 7.12 9.32
C TYR A 302 20.90 7.57 9.16
N SER A 303 20.66 8.68 8.45
CA SER A 303 19.29 9.15 8.28
C SER A 303 18.42 8.07 7.63
N GLU A 304 18.89 7.52 6.50
CA GLU A 304 18.09 6.55 5.78
C GLU A 304 17.94 5.25 6.56
N LEU A 305 18.96 4.86 7.31
CA LEU A 305 18.83 3.66 8.14
C LEU A 305 17.76 3.83 9.20
N MET A 306 17.71 5.00 9.85
CA MET A 306 16.67 5.24 10.83
C MET A 306 15.29 5.19 10.19
N LYS A 307 15.13 5.82 9.02
CA LYS A 307 13.85 5.76 8.34
C LYS A 307 13.47 4.31 8.00
N GLY A 308 14.44 3.53 7.56
CA GLY A 308 14.16 2.14 7.21
C GLY A 308 13.74 1.30 8.40
N LEU A 309 14.37 1.48 9.55
CA LEU A 309 13.95 0.75 10.75
C LEU A 309 12.58 1.22 11.20
N GLY A 310 12.26 2.49 11.03
CA GLY A 310 10.89 2.91 11.31
C GLY A 310 9.88 2.21 10.43
N ALA A 311 10.15 2.15 9.13
CA ALA A 311 9.24 1.47 8.21
C ALA A 311 9.12 -0.01 8.54
N GLY A 312 10.24 -0.65 8.89
CA GLY A 312 10.18 -2.05 9.25
C GLY A 312 9.38 -2.29 10.52
N GLY A 313 9.51 -1.41 11.50
CA GLY A 313 8.69 -1.51 12.69
C GLY A 313 7.21 -1.34 12.39
N ARG A 314 6.89 -0.46 11.44
CA ARG A 314 5.49 -0.32 11.03
C ARG A 314 4.99 -1.59 10.32
N LEU A 315 5.85 -2.24 9.54
CA LEU A 315 5.42 -3.42 8.79
C LEU A 315 5.33 -4.67 9.67
N TRP A 316 6.16 -4.78 10.71
CA TRP A 316 6.32 -6.03 11.43
C TRP A 316 5.27 -6.27 12.52
N GLU A 317 4.10 -5.62 12.46
CA GLU A 317 2.98 -6.03 13.29
C GLU A 317 1.81 -6.56 12.49
N LEU A 318 1.72 -6.24 11.20
CA LEU A 318 0.68 -6.80 10.35
C LEU A 318 0.98 -8.24 9.97
N LEU A 319 2.26 -8.55 9.73
CA LEU A 319 2.62 -9.90 9.31
C LEU A 319 2.53 -10.89 10.45
N GLU A 320 2.76 -10.45 11.68
CA GLU A 320 2.69 -11.31 12.86
C GLU A 320 1.35 -11.22 13.57
N ARG A 321 0.39 -10.49 13.02
CA ARG A 321 -0.94 -10.45 13.60
C ARG A 321 -1.66 -11.77 13.37
N GLU A 322 -2.63 -12.05 14.23
CA GLU A 322 -3.35 -13.32 14.20
C GLU A 322 -4.85 -13.07 14.01
N PRO A 323 -5.48 -13.74 13.02
CA PRO A 323 -6.90 -13.43 12.85
C PRO A 323 -7.70 -13.91 14.06
N LYS A 324 -8.85 -13.29 14.32
CA LYS A 324 -9.63 -13.65 15.50
C LYS A 324 -10.73 -14.66 15.16
N LEU A 325 -10.94 -14.92 13.88
CA LEU A 325 -11.92 -15.93 13.47
C LEU A 325 -11.25 -16.96 12.59
N PRO A 326 -11.63 -18.23 12.75
CA PRO A 326 -11.02 -19.30 11.95
C PRO A 326 -11.25 -19.11 10.47
N PHE A 327 -10.21 -19.26 9.65
CA PHE A 327 -10.37 -19.17 8.21
C PHE A 327 -9.92 -20.47 7.58
N ASN A 328 -10.77 -21.05 6.74
CA ASN A 328 -10.43 -22.31 6.06
C ASN A 328 -10.09 -23.45 7.01
N GLU A 329 -10.95 -23.70 7.98
CA GLU A 329 -10.74 -24.83 8.90
C GLU A 329 -12.06 -25.23 9.54
N GLY A 330 -12.33 -26.53 9.67
CA GLY A 330 -13.55 -26.99 10.30
C GLY A 330 -14.13 -28.28 9.77
N VAL A 331 -15.39 -28.55 10.04
CA VAL A 331 -16.03 -29.79 9.59
C VAL A 331 -16.90 -29.58 8.36
N ILE A 332 -17.15 -30.66 7.62
CA ILE A 332 -17.98 -30.57 6.42
C ILE A 332 -19.05 -31.65 6.45
N LEU A 333 -20.17 -31.42 5.77
CA LEU A 333 -21.29 -32.36 5.81
C LEU A 333 -21.66 -32.94 4.45
N ASN A 334 -22.42 -34.04 4.43
CA ASN A 334 -22.77 -34.70 3.18
C ASN A 334 -23.87 -33.98 2.41
N GLU A 335 -24.42 -34.66 1.41
CA GLU A 335 -25.48 -34.05 0.62
C GLU A 335 -26.81 -34.02 1.35
N LYS A 336 -27.17 -35.13 1.98
CA LYS A 336 -28.46 -35.20 2.64
C LYS A 336 -28.40 -34.65 4.07
N SER A 337 -27.23 -34.57 4.66
CA SER A 337 -27.13 -34.10 6.05
C SER A 337 -27.90 -32.80 6.23
N PHE A 338 -27.73 -31.86 5.31
CA PHE A 338 -28.43 -30.58 5.39
C PHE A 338 -29.67 -30.60 4.52
N GLN A 339 -30.78 -30.14 5.10
CA GLN A 339 -32.03 -29.96 4.37
C GLN A 339 -32.40 -28.50 4.19
N GLY A 340 -31.60 -27.58 4.73
CA GLY A 340 -31.88 -26.17 4.62
C GLY A 340 -32.51 -25.53 5.84
N ALA A 341 -32.74 -26.29 6.91
CA ALA A 341 -33.38 -25.76 8.10
C ALA A 341 -32.40 -24.88 8.86
N LEU A 342 -32.78 -23.61 9.05
CA LEU A 342 -31.97 -22.64 9.78
C LEU A 342 -32.69 -22.27 11.07
N GLU A 343 -31.98 -22.38 12.20
CA GLU A 343 -32.56 -22.11 13.51
C GLU A 343 -31.70 -21.07 14.22
N PHE A 344 -32.34 -19.99 14.67
CA PHE A 344 -31.70 -18.96 15.47
C PHE A 344 -32.32 -18.97 16.86
N LYS A 345 -31.48 -19.05 17.89
CA LYS A 345 -31.95 -19.16 19.27
C LYS A 345 -31.15 -18.21 20.16
N ASN A 346 -31.85 -17.23 20.74
CA ASN A 346 -31.28 -16.36 21.76
C ASN A 346 -29.99 -15.70 21.29
N VAL A 347 -30.11 -14.87 20.26
CA VAL A 347 -28.97 -14.21 19.65
C VAL A 347 -28.82 -12.81 20.22
N HIS A 348 -27.60 -12.45 20.61
CA HIS A 348 -27.33 -11.09 21.09
C HIS A 348 -26.23 -10.52 20.21
N PHE A 349 -26.44 -9.36 19.63
CA PHE A 349 -25.49 -8.73 18.72
C PHE A 349 -25.47 -7.22 18.77
N ALA A 350 -24.31 -6.66 18.51
CA ALA A 350 -24.11 -5.21 18.51
C ALA A 350 -22.85 -4.91 17.72
N TYR A 351 -22.94 -3.97 16.79
CA TYR A 351 -21.81 -3.70 15.91
C TYR A 351 -20.57 -3.35 16.73
N PRO A 352 -19.41 -3.92 16.40
CA PRO A 352 -18.19 -3.59 17.14
C PRO A 352 -17.85 -2.11 17.09
N ALA A 353 -18.15 -1.43 15.99
CA ALA A 353 -17.83 -0.01 15.89
C ALA A 353 -18.56 0.80 16.96
N ARG A 354 -19.84 0.50 17.18
CA ARG A 354 -20.66 1.19 18.18
C ARG A 354 -21.34 0.15 19.06
N PRO A 355 -20.64 -0.38 20.05
CA PRO A 355 -21.25 -1.37 20.93
C PRO A 355 -22.41 -0.83 21.75
N GLU A 356 -22.49 0.48 21.88
CA GLU A 356 -23.55 1.07 22.68
C GLU A 356 -24.88 0.62 22.15
N VAL A 357 -25.13 0.88 20.88
CA VAL A 357 -26.44 0.55 20.31
C VAL A 357 -26.57 -0.93 20.00
N PRO A 358 -27.50 -1.61 20.68
CA PRO A 358 -27.70 -3.05 20.45
C PRO A 358 -28.63 -3.26 19.27
N ILE A 359 -28.62 -4.45 18.65
CA ILE A 359 -29.43 -4.64 17.45
C ILE A 359 -30.35 -5.84 17.59
N PHE A 360 -29.82 -6.96 18.08
CA PHE A 360 -30.62 -8.16 18.23
C PHE A 360 -30.68 -8.56 19.70
N GLN A 361 -31.88 -8.88 20.18
CA GLN A 361 -32.09 -9.28 21.56
C GLN A 361 -33.11 -10.41 21.60
N ASP A 362 -32.74 -11.53 22.21
CA ASP A 362 -33.61 -12.70 22.33
C ASP A 362 -34.26 -13.04 20.99
N PHE A 363 -33.42 -13.37 20.02
CA PHE A 363 -33.85 -13.60 18.64
C PHE A 363 -34.03 -15.10 18.42
N SER A 364 -35.27 -15.51 18.18
CA SER A 364 -35.60 -16.89 17.87
C SER A 364 -36.32 -16.95 16.53
N LEU A 365 -35.92 -17.91 15.69
CA LEU A 365 -36.49 -18.03 14.35
C LEU A 365 -36.17 -19.37 13.73
N SER A 366 -37.14 -19.99 13.11
CA SER A 366 -36.96 -21.28 12.43
C SER A 366 -37.42 -21.16 10.99
N ILE A 367 -36.60 -21.64 10.06
CA ILE A 367 -36.94 -21.64 8.64
C ILE A 367 -36.84 -23.06 8.11
N PRO A 368 -37.95 -23.73 7.84
CA PRO A 368 -37.90 -25.12 7.37
C PRO A 368 -37.45 -25.21 5.92
N SER A 369 -37.17 -26.44 5.50
CA SER A 369 -36.76 -26.68 4.12
C SER A 369 -37.92 -26.39 3.17
N GLY A 370 -37.60 -25.73 2.06
CA GLY A 370 -38.60 -25.37 1.08
C GLY A 370 -39.70 -24.50 1.64
N SER A 371 -39.34 -23.30 2.09
CA SER A 371 -40.32 -22.38 2.68
C SER A 371 -39.85 -20.95 2.47
N VAL A 372 -40.74 -20.11 1.97
CA VAL A 372 -40.40 -18.72 1.68
C VAL A 372 -40.94 -17.83 2.79
N THR A 373 -40.11 -17.55 3.78
CA THR A 373 -40.47 -16.69 4.89
C THR A 373 -40.02 -15.26 4.61
N ALA A 374 -40.81 -14.30 5.10
CA ALA A 374 -40.54 -12.88 4.90
C ALA A 374 -40.42 -12.21 6.26
N LEU A 375 -39.32 -11.49 6.45
CA LEU A 375 -39.08 -10.74 7.69
C LEU A 375 -39.50 -9.29 7.49
N VAL A 376 -40.82 -9.10 7.41
CA VAL A 376 -41.37 -7.77 7.25
C VAL A 376 -41.41 -7.06 8.56
N GLY A 377 -40.92 -5.83 8.59
CA GLY A 377 -40.86 -5.08 9.82
C GLY A 377 -40.51 -3.63 9.59
N PRO A 378 -40.36 -2.88 10.68
CA PRO A 378 -40.05 -1.45 10.55
C PRO A 378 -38.76 -1.22 9.80
N SER A 379 -38.75 -0.19 8.97
CA SER A 379 -37.57 0.17 8.21
C SER A 379 -36.56 0.91 9.07
N GLY A 380 -35.29 0.78 8.73
CA GLY A 380 -34.22 1.43 9.47
C GLY A 380 -33.77 0.69 10.71
N SER A 381 -34.34 -0.48 11.00
CA SER A 381 -33.95 -1.26 12.17
C SER A 381 -32.70 -2.09 11.96
N GLY A 382 -32.13 -2.07 10.76
CA GLY A 382 -30.94 -2.84 10.48
C GLY A 382 -31.14 -4.33 10.51
N LYS A 383 -32.26 -4.82 9.97
CA LYS A 383 -32.50 -6.25 9.92
C LYS A 383 -31.61 -6.94 8.89
N SER A 384 -30.91 -6.17 8.06
CA SER A 384 -29.98 -6.75 7.11
C SER A 384 -28.83 -7.47 7.80
N THR A 385 -28.64 -7.24 9.08
CA THR A 385 -27.54 -7.85 9.81
C THR A 385 -27.67 -9.37 9.85
N VAL A 386 -28.86 -9.90 9.63
CA VAL A 386 -29.04 -11.34 9.60
C VAL A 386 -28.20 -11.97 8.50
N LEU A 387 -27.99 -11.26 7.40
CA LEU A 387 -27.17 -11.78 6.32
C LEU A 387 -25.73 -11.94 6.77
N SER A 388 -25.23 -10.97 7.53
CA SER A 388 -23.86 -11.00 8.02
C SER A 388 -23.65 -11.99 9.14
N LEU A 389 -24.72 -12.57 9.69
CA LEU A 389 -24.61 -13.57 10.74
C LEU A 389 -24.70 -15.00 10.21
N LEU A 390 -25.40 -15.21 9.10
CA LEU A 390 -25.40 -16.53 8.47
C LEU A 390 -24.08 -16.81 7.76
N LEU A 391 -23.53 -15.80 7.08
CA LEU A 391 -22.26 -15.95 6.37
C LEU A 391 -21.07 -16.07 7.30
N ARG A 392 -21.25 -15.83 8.60
CA ARG A 392 -20.18 -15.95 9.58
C ARG A 392 -19.18 -14.79 9.49
N LEU A 393 -19.64 -13.62 9.05
CA LEU A 393 -18.78 -12.45 9.06
C LEU A 393 -18.52 -11.96 10.48
N TYR A 394 -19.49 -12.11 11.36
CA TYR A 394 -19.38 -11.69 12.75
C TYR A 394 -19.78 -12.84 13.66
N ASP A 395 -19.82 -12.56 14.96
CA ASP A 395 -20.28 -13.50 15.97
C ASP A 395 -21.22 -12.80 16.94
N PRO A 396 -22.14 -13.55 17.55
CA PRO A 396 -23.06 -12.95 18.52
C PRO A 396 -22.46 -12.88 19.92
N ALA A 397 -22.97 -11.95 20.71
CA ALA A 397 -22.50 -11.86 22.08
C ALA A 397 -22.84 -13.16 22.76
N SER A 398 -24.11 -13.55 22.68
CA SER A 398 -24.54 -14.77 23.35
C SER A 398 -25.68 -15.37 22.55
N GLY A 399 -25.54 -16.65 22.19
CA GLY A 399 -26.56 -17.34 21.44
C GLY A 399 -25.96 -18.42 20.59
N THR A 400 -26.80 -19.03 19.76
CA THR A 400 -26.39 -20.11 18.87
C THR A 400 -27.09 -19.95 17.53
N ILE A 401 -26.33 -20.12 16.46
CA ILE A 401 -26.86 -20.16 15.09
C ILE A 401 -26.53 -21.54 14.55
N SER A 402 -27.53 -22.41 14.51
CA SER A 402 -27.35 -23.81 14.12
C SER A 402 -28.03 -24.09 12.79
N LEU A 403 -27.39 -24.93 11.98
CA LEU A 403 -27.90 -25.33 10.68
C LEU A 403 -28.04 -26.84 10.66
N ASP A 404 -29.28 -27.33 10.78
CA ASP A 404 -29.56 -28.77 10.80
C ASP A 404 -28.97 -29.42 12.05
N GLY A 405 -29.20 -28.79 13.19
CA GLY A 405 -28.76 -29.35 14.46
C GLY A 405 -27.29 -29.23 14.75
N HIS A 406 -26.57 -28.34 14.06
CA HIS A 406 -25.16 -28.12 14.30
C HIS A 406 -24.89 -26.63 14.31
N ASP A 407 -24.16 -26.16 15.34
CA ASP A 407 -23.76 -24.77 15.38
C ASP A 407 -22.80 -24.46 14.24
N ILE A 408 -23.02 -23.30 13.59
CA ILE A 408 -22.16 -22.91 12.48
C ILE A 408 -20.74 -22.57 12.92
N ARG A 409 -20.49 -22.50 14.23
CA ARG A 409 -19.14 -22.25 14.73
C ARG A 409 -18.23 -23.45 14.55
N GLN A 410 -18.77 -24.62 14.19
CA GLN A 410 -17.98 -25.81 13.95
C GLN A 410 -17.85 -26.17 12.48
N LEU A 411 -18.64 -25.54 11.63
CA LEU A 411 -18.60 -25.83 10.21
C LEU A 411 -17.49 -25.05 9.51
N ASN A 412 -17.01 -25.56 8.39
CA ASN A 412 -15.98 -24.88 7.63
C ASN A 412 -16.56 -23.61 7.01
N PRO A 413 -16.03 -22.43 7.31
CA PRO A 413 -16.62 -21.20 6.79
C PRO A 413 -16.64 -21.12 5.28
N VAL A 414 -15.62 -21.63 4.59
CA VAL A 414 -15.59 -21.55 3.14
C VAL A 414 -16.60 -22.51 2.50
N TRP A 415 -16.79 -23.69 3.08
CA TRP A 415 -17.79 -24.61 2.55
C TRP A 415 -19.20 -24.12 2.83
N LEU A 416 -19.43 -23.55 4.01
CA LEU A 416 -20.75 -23.03 4.35
C LEU A 416 -21.15 -21.89 3.43
N ARG A 417 -20.20 -21.00 3.11
CA ARG A 417 -20.53 -19.82 2.31
C ARG A 417 -20.98 -20.21 0.90
N SER A 418 -20.48 -21.31 0.36
CA SER A 418 -20.92 -21.76 -0.95
C SER A 418 -22.39 -22.11 -0.99
N LYS A 419 -22.91 -22.71 0.08
CA LYS A 419 -24.31 -23.15 0.12
C LYS A 419 -25.28 -22.03 0.46
N ILE A 420 -24.77 -20.84 0.74
CA ILE A 420 -25.64 -19.70 1.02
C ILE A 420 -25.31 -18.55 0.10
N GLY A 421 -26.28 -18.09 -0.68
CA GLY A 421 -26.06 -17.00 -1.61
C GLY A 421 -26.92 -15.79 -1.31
N THR A 422 -26.83 -14.76 -2.14
CA THR A 422 -27.57 -13.53 -1.88
C THR A 422 -27.67 -12.72 -3.17
N VAL A 423 -28.67 -11.85 -3.19
CA VAL A 423 -28.84 -10.85 -4.24
C VAL A 423 -29.11 -9.51 -3.58
N SER A 424 -28.38 -8.47 -3.99
CA SER A 424 -28.43 -7.18 -3.33
C SER A 424 -29.11 -6.15 -4.23
N GLN A 425 -29.58 -5.06 -3.60
CA GLN A 425 -30.22 -3.98 -4.33
C GLN A 425 -29.24 -3.22 -5.21
N GLU A 426 -28.00 -3.07 -4.75
CA GLU A 426 -26.96 -2.34 -5.48
C GLU A 426 -25.74 -3.23 -5.59
N PRO A 427 -25.76 -4.21 -6.50
CA PRO A 427 -24.62 -5.12 -6.64
C PRO A 427 -23.33 -4.35 -6.92
N ILE A 428 -22.24 -4.84 -6.35
CA ILE A 428 -20.92 -4.26 -6.55
C ILE A 428 -20.23 -5.01 -7.69
N LEU A 429 -19.76 -4.27 -8.68
CA LEU A 429 -19.12 -4.84 -9.86
C LEU A 429 -17.64 -4.46 -9.88
N PHE A 430 -16.81 -5.40 -10.31
CA PHE A 430 -15.38 -5.17 -10.43
C PHE A 430 -15.04 -4.54 -11.77
N SER A 431 -13.80 -4.06 -11.90
CA SER A 431 -13.30 -3.48 -13.14
C SER A 431 -12.82 -4.62 -14.04
N CYS A 432 -13.78 -5.26 -14.70
CA CYS A 432 -13.50 -6.38 -15.57
C CYS A 432 -14.61 -6.48 -16.61
N SER A 433 -14.47 -7.44 -17.52
CA SER A 433 -15.47 -7.64 -18.55
C SER A 433 -16.75 -8.20 -17.96
N ILE A 434 -17.86 -8.03 -18.69
CA ILE A 434 -19.15 -8.51 -18.22
C ILE A 434 -19.11 -10.01 -17.99
N ALA A 435 -18.47 -10.75 -18.90
CA ALA A 435 -18.34 -12.19 -18.74
C ALA A 435 -17.47 -12.56 -17.54
N GLU A 436 -16.52 -11.70 -17.17
CA GLU A 436 -15.68 -11.98 -16.01
C GLU A 436 -16.40 -11.69 -14.69
N ASN A 437 -17.49 -10.95 -14.72
CA ASN A 437 -18.32 -10.72 -13.54
C ASN A 437 -19.45 -11.72 -13.40
N ILE A 438 -19.57 -12.67 -14.33
CA ILE A 438 -20.56 -13.73 -14.24
C ILE A 438 -19.94 -15.08 -13.86
N ALA A 439 -18.67 -15.30 -14.21
CA ALA A 439 -17.98 -16.53 -13.84
C ALA A 439 -17.37 -16.46 -12.45
N TYR A 440 -17.48 -15.30 -11.77
CA TYR A 440 -16.98 -15.18 -10.41
C TYR A 440 -17.72 -16.08 -9.44
N GLY A 441 -18.94 -16.49 -9.77
CA GLY A 441 -19.73 -17.34 -8.91
C GLY A 441 -19.50 -18.82 -9.06
N ALA A 442 -18.67 -19.23 -10.01
CA ALA A 442 -18.37 -20.64 -10.22
C ALA A 442 -17.19 -21.08 -9.36
N ASP A 443 -17.10 -22.39 -9.13
CA ASP A 443 -16.01 -22.92 -8.32
C ASP A 443 -14.65 -22.65 -8.95
N ASP A 444 -14.54 -22.84 -10.25
CA ASP A 444 -13.29 -22.61 -10.99
C ASP A 444 -13.58 -21.71 -12.17
N PRO A 445 -13.55 -20.39 -11.97
CA PRO A 445 -13.87 -19.47 -13.08
C PRO A 445 -12.93 -19.62 -14.27
N SER A 446 -11.68 -20.04 -14.05
CA SER A 446 -10.72 -20.17 -15.13
C SER A 446 -11.07 -21.30 -16.09
N SER A 447 -12.01 -22.16 -15.75
CA SER A 447 -12.42 -23.29 -16.58
C SER A 447 -13.91 -23.23 -16.89
N VAL A 448 -14.39 -22.03 -17.20
CA VAL A 448 -15.79 -21.88 -17.56
C VAL A 448 -15.90 -21.75 -19.07
N THR A 449 -16.83 -22.50 -19.64
CA THR A 449 -17.05 -22.47 -21.09
C THR A 449 -18.11 -21.43 -21.43
N ALA A 450 -17.95 -20.75 -22.56
CA ALA A 450 -18.88 -19.66 -22.89
C ALA A 450 -20.28 -20.20 -23.14
N GLU A 451 -20.39 -21.50 -23.35
CA GLU A 451 -21.70 -22.09 -23.53
C GLU A 451 -22.54 -21.74 -22.32
N GLU A 452 -21.96 -21.90 -21.14
CA GLU A 452 -22.69 -21.62 -19.91
C GLU A 452 -23.03 -20.15 -19.74
N ILE A 453 -22.06 -19.28 -19.96
CA ILE A 453 -22.31 -17.87 -19.76
C ILE A 453 -23.38 -17.37 -20.72
N GLN A 454 -23.68 -18.16 -21.74
CA GLN A 454 -24.74 -17.76 -22.65
C GLN A 454 -26.10 -18.20 -22.13
N ARG A 455 -26.15 -19.39 -21.51
CA ARG A 455 -27.43 -19.92 -21.04
C ARG A 455 -28.06 -19.03 -19.99
N VAL A 456 -27.25 -18.52 -19.05
CA VAL A 456 -27.77 -17.69 -17.97
C VAL A 456 -28.09 -16.28 -18.42
N ALA A 457 -27.59 -15.85 -19.58
CA ALA A 457 -27.91 -14.52 -20.07
C ALA A 457 -29.37 -14.44 -20.51
N GLU A 458 -29.89 -15.50 -21.12
CA GLU A 458 -31.30 -15.50 -21.51
C GLU A 458 -32.21 -15.69 -20.30
N VAL A 459 -31.81 -16.54 -19.36
CA VAL A 459 -32.65 -16.79 -18.19
C VAL A 459 -32.81 -15.53 -17.35
N ALA A 460 -31.75 -14.74 -17.24
CA ALA A 460 -31.76 -13.53 -16.43
C ALA A 460 -32.24 -12.30 -17.19
N ASN A 461 -32.70 -12.47 -18.44
CA ASN A 461 -33.15 -11.34 -19.26
C ASN A 461 -32.04 -10.31 -19.43
N ALA A 462 -30.83 -10.78 -19.67
CA ALA A 462 -29.73 -9.85 -19.87
C ALA A 462 -29.28 -9.83 -21.32
N VAL A 463 -29.49 -10.93 -22.05
CA VAL A 463 -29.01 -10.99 -23.43
C VAL A 463 -29.67 -9.94 -24.31
N ALA A 464 -30.59 -9.15 -23.78
CA ALA A 464 -31.25 -8.13 -24.59
C ALA A 464 -30.40 -6.87 -24.68
N PHE A 465 -30.05 -6.30 -23.54
CA PHE A 465 -29.29 -5.04 -23.53
C PHE A 465 -27.80 -5.23 -23.76
N ILE A 466 -27.32 -6.46 -23.59
CA ILE A 466 -25.92 -6.73 -23.84
C ILE A 466 -25.62 -6.68 -25.33
N ARG A 467 -26.50 -7.23 -26.14
CA ARG A 467 -26.26 -7.28 -27.57
C ARG A 467 -26.03 -5.88 -28.14
N ASN A 468 -26.69 -4.87 -27.59
CA ASN A 468 -26.50 -3.50 -28.09
C ASN A 468 -25.05 -3.06 -27.92
N PHE A 469 -24.36 -3.58 -26.93
CA PHE A 469 -22.96 -3.21 -26.71
C PHE A 469 -22.11 -3.68 -27.88
N PRO A 470 -21.26 -2.82 -28.46
CA PRO A 470 -20.47 -3.25 -29.61
C PRO A 470 -19.58 -4.46 -29.34
N GLN A 471 -19.03 -4.58 -28.13
CA GLN A 471 -18.15 -5.68 -27.80
C GLN A 471 -18.88 -6.90 -27.26
N GLY A 472 -20.20 -6.82 -27.10
CA GLY A 472 -20.98 -7.94 -26.60
C GLY A 472 -20.74 -8.21 -25.13
N PHE A 473 -20.16 -9.35 -24.82
CA PHE A 473 -19.90 -9.72 -23.43
C PHE A 473 -18.55 -9.22 -22.92
N ASN A 474 -17.72 -8.71 -23.81
CA ASN A 474 -16.38 -8.25 -23.43
C ASN A 474 -16.37 -6.80 -22.97
N THR A 475 -17.52 -6.13 -22.94
CA THR A 475 -17.57 -4.77 -22.45
C THR A 475 -17.06 -4.70 -21.00
N VAL A 476 -16.25 -3.70 -20.71
CA VAL A 476 -15.65 -3.55 -19.40
C VAL A 476 -16.53 -2.65 -18.55
N VAL A 477 -16.99 -3.16 -17.41
CA VAL A 477 -17.83 -2.40 -16.50
C VAL A 477 -17.04 -2.11 -15.24
N GLY A 478 -17.40 -1.00 -14.59
CA GLY A 478 -16.73 -0.59 -13.37
C GLY A 478 -17.38 0.61 -12.71
N VAL A 482 -17.27 1.41 -18.18
CA VAL A 482 -18.51 1.63 -18.92
C VAL A 482 -19.68 1.72 -17.95
N LEU A 483 -20.44 2.80 -18.05
CA LEU A 483 -21.58 3.00 -17.16
C LEU A 483 -22.70 2.01 -17.49
N LEU A 484 -23.42 1.59 -16.46
CA LEU A 484 -24.54 0.68 -16.60
C LEU A 484 -25.73 1.19 -15.79
N SER A 485 -26.92 0.84 -16.24
CA SER A 485 -28.14 1.28 -15.58
C SER A 485 -28.38 0.48 -14.30
N GLY A 486 -29.24 1.03 -13.44
CA GLY A 486 -29.56 0.35 -12.20
C GLY A 486 -30.24 -0.99 -12.42
N GLY A 487 -31.20 -1.03 -13.33
CA GLY A 487 -31.89 -2.28 -13.63
C GLY A 487 -31.04 -3.29 -14.37
N GLN A 488 -29.99 -2.83 -15.04
CA GLN A 488 -29.10 -3.74 -15.73
C GLN A 488 -28.16 -4.41 -14.74
N LYS A 489 -27.71 -3.68 -13.73
CA LYS A 489 -26.84 -4.28 -12.73
C LYS A 489 -27.54 -5.42 -12.01
N GLN A 490 -28.83 -5.28 -11.72
CA GLN A 490 -29.58 -6.34 -11.07
C GLN A 490 -29.54 -7.62 -11.92
N ARG A 491 -29.91 -7.50 -13.19
CA ARG A 491 -30.01 -8.69 -14.04
C ARG A 491 -28.66 -9.38 -14.19
N ILE A 492 -27.56 -8.62 -14.10
CA ILE A 492 -26.24 -9.25 -14.08
C ILE A 492 -26.02 -10.01 -12.79
N ALA A 493 -26.51 -9.46 -11.67
CA ALA A 493 -26.32 -10.12 -10.38
C ALA A 493 -26.99 -11.49 -10.34
N ILE A 494 -28.20 -11.58 -10.88
CA ILE A 494 -28.90 -12.87 -10.94
C ILE A 494 -28.17 -13.85 -11.84
N ALA A 495 -27.35 -13.36 -12.76
CA ALA A 495 -26.52 -14.25 -13.57
C ALA A 495 -25.51 -15.00 -12.71
N ARG A 496 -24.88 -14.29 -11.77
CA ARG A 496 -23.96 -14.96 -10.85
C ARG A 496 -24.69 -15.96 -9.96
N ALA A 497 -25.86 -15.58 -9.46
CA ALA A 497 -26.61 -16.48 -8.58
C ALA A 497 -27.02 -17.75 -9.30
N LEU A 498 -27.45 -17.63 -10.56
CA LEU A 498 -27.86 -18.81 -11.32
C LEU A 498 -26.69 -19.74 -11.55
N LEU A 499 -25.51 -19.19 -11.83
CA LEU A 499 -24.33 -20.02 -12.03
C LEU A 499 -23.83 -20.63 -10.73
N LYS A 500 -23.97 -19.91 -9.61
CA LYS A 500 -23.53 -20.46 -8.33
C LYS A 500 -24.35 -21.68 -7.95
N ASN A 501 -25.66 -21.65 -8.17
CA ASN A 501 -26.54 -22.75 -7.84
C ASN A 501 -26.54 -23.02 -6.35
N PRO A 502 -26.99 -22.03 -5.55
CA PRO A 502 -26.97 -22.21 -4.11
C PRO A 502 -28.12 -23.05 -3.63
N LYS A 503 -28.10 -23.53 -2.40
CA LYS A 503 -29.22 -24.27 -1.84
C LYS A 503 -30.01 -23.42 -0.87
N ILE A 504 -29.54 -22.22 -0.59
CA ILE A 504 -30.23 -21.31 0.31
C ILE A 504 -30.03 -19.94 -0.25
N LEU A 505 -31.08 -19.13 -0.26
CA LEU A 505 -30.98 -17.83 -0.85
C LEU A 505 -31.42 -16.74 0.08
N LEU A 506 -30.64 -15.69 0.19
CA LEU A 506 -31.00 -14.56 1.01
C LEU A 506 -31.20 -13.41 0.05
N LEU A 507 -32.31 -12.72 0.20
CA LEU A 507 -32.62 -11.62 -0.70
C LEU A 507 -32.78 -10.27 0.01
N ASP A 508 -32.56 -9.19 -0.70
CA ASP A 508 -32.65 -7.84 -0.15
C ASP A 508 -33.27 -6.95 -1.22
N GLN A 509 -34.55 -6.67 -1.03
CA GLN A 509 -35.29 -5.86 -2.00
C GLN A 509 -35.03 -4.37 -1.90
N ALA A 510 -35.26 -3.66 -2.99
CA ALA A 510 -34.98 -2.24 -3.05
C ALA A 510 -36.19 -1.46 -2.55
N THR A 511 -35.95 -0.48 -1.68
CA THR A 511 -37.04 0.31 -1.12
C THR A 511 -37.78 1.09 -2.21
N SER A 512 -37.04 1.66 -3.15
CA SER A 512 -37.61 2.46 -4.23
C SER A 512 -37.81 1.60 -5.47
N ALA A 513 -39.02 1.65 -6.03
CA ALA A 513 -39.32 0.88 -7.23
C ALA A 513 -38.48 1.37 -8.41
N LEU A 514 -38.13 0.43 -9.28
CA LEU A 514 -37.32 0.74 -10.45
C LEU A 514 -38.23 1.27 -11.57
N ASP A 515 -37.66 1.43 -12.77
CA ASP A 515 -38.44 1.93 -13.90
C ASP A 515 -39.43 0.88 -14.37
N ALA A 516 -40.36 1.32 -15.22
CA ALA A 516 -41.38 0.40 -15.72
C ALA A 516 -40.75 -0.75 -16.50
N GLU A 517 -39.78 -0.46 -17.36
CA GLU A 517 -39.09 -1.53 -18.07
C GLU A 517 -38.34 -2.44 -17.10
N ASN A 518 -37.65 -1.85 -16.12
CA ASN A 518 -36.92 -2.65 -15.15
C ASN A 518 -37.86 -3.37 -14.19
N GLU A 519 -39.00 -2.75 -13.86
CA GLU A 519 -39.94 -3.36 -12.93
C GLU A 519 -40.52 -4.66 -13.47
N TYR A 520 -40.49 -4.86 -14.79
CA TYR A 520 -41.04 -6.06 -15.40
C TYR A 520 -39.96 -7.11 -15.71
N LEU A 521 -38.88 -6.70 -16.37
CA LEU A 521 -37.83 -7.65 -16.71
C LEU A 521 -37.17 -8.22 -15.46
N VAL A 522 -36.93 -7.37 -14.45
CA VAL A 522 -36.28 -7.83 -13.22
C VAL A 522 -37.15 -8.85 -12.49
N GLN A 523 -38.46 -8.56 -12.39
CA GLN A 523 -39.34 -9.46 -11.65
C GLN A 523 -39.40 -10.84 -12.28
N GLU A 524 -39.45 -10.89 -13.62
CA GLU A 524 -39.50 -12.20 -14.29
C GLU A 524 -38.26 -13.02 -14.01
N ALA A 525 -37.09 -12.37 -13.99
CA ALA A 525 -35.85 -13.10 -13.76
C ALA A 525 -35.84 -13.74 -12.37
N LEU A 526 -36.27 -13.01 -11.35
CA LEU A 526 -36.24 -13.52 -9.98
C LEU A 526 -37.22 -14.65 -9.74
N ASP A 527 -38.17 -14.87 -10.64
CA ASP A 527 -39.15 -15.94 -10.43
C ASP A 527 -38.47 -17.30 -10.36
N ARG A 528 -37.53 -17.55 -11.27
CA ARG A 528 -36.79 -18.81 -11.26
C ARG A 528 -35.66 -18.84 -10.23
N LEU A 529 -35.28 -17.68 -9.68
CA LEU A 529 -34.30 -17.65 -8.60
C LEU A 529 -34.92 -17.97 -7.25
N MET A 530 -36.25 -17.93 -7.14
CA MET A 530 -36.96 -18.30 -5.93
C MET A 530 -37.69 -19.62 -6.08
N ASP A 531 -37.31 -20.43 -7.06
CA ASP A 531 -38.01 -21.66 -7.41
C ASP A 531 -37.20 -22.86 -6.94
N GLY A 532 -37.82 -23.70 -6.12
CA GLY A 532 -37.19 -24.93 -5.66
C GLY A 532 -35.99 -24.73 -4.77
N ARG A 533 -36.11 -23.84 -3.78
CA ARG A 533 -35.03 -23.61 -2.81
C ARG A 533 -35.55 -22.95 -1.54
N THR A 534 -34.81 -22.97 -0.44
CA THR A 534 -35.22 -22.26 0.78
C THR A 534 -34.88 -20.81 0.62
N VAL A 535 -35.83 -19.93 0.85
CA VAL A 535 -35.58 -18.52 0.61
C VAL A 535 -36.05 -17.64 1.74
N LEU A 536 -35.29 -16.61 2.06
CA LEU A 536 -35.69 -15.67 3.07
C LEU A 536 -35.71 -14.31 2.42
N VAL A 537 -36.85 -13.64 2.46
CA VAL A 537 -37.00 -12.33 1.83
C VAL A 537 -37.13 -11.20 2.83
N ILE A 538 -36.18 -10.28 2.81
CA ILE A 538 -36.29 -9.11 3.66
C ILE A 538 -36.95 -8.08 2.75
N ALA A 539 -38.26 -7.90 2.87
CA ALA A 539 -39.03 -7.02 2.00
C ALA A 539 -39.23 -5.65 2.64
N HIS A 540 -39.42 -4.65 1.77
CA HIS A 540 -39.75 -3.29 2.20
C HIS A 540 -41.18 -2.89 1.84
N ARG A 541 -41.82 -3.61 0.91
CA ARG A 541 -43.19 -3.33 0.51
C ARG A 541 -44.01 -4.60 0.61
N LEU A 542 -45.32 -4.42 0.70
CA LEU A 542 -46.26 -5.53 0.84
C LEU A 542 -46.53 -6.27 -0.47
N SER A 543 -45.72 -6.04 -1.50
CA SER A 543 -45.97 -6.67 -2.80
C SER A 543 -45.89 -8.18 -2.69
N THR A 544 -44.81 -8.70 -2.11
CA THR A 544 -44.59 -10.14 -2.01
C THR A 544 -45.04 -10.72 -0.67
N ILE A 545 -45.62 -9.90 0.19
CA ILE A 545 -46.02 -10.37 1.51
C ILE A 545 -47.10 -11.45 1.42
N LYS A 546 -48.08 -11.26 0.55
CA LYS A 546 -49.17 -12.22 0.41
C LYS A 546 -48.67 -13.56 -0.10
N ASN A 547 -47.78 -13.53 -1.11
CA ASN A 547 -47.30 -14.78 -1.71
C ASN A 547 -46.38 -15.56 -0.77
N ALA A 548 -45.82 -14.92 0.25
CA ALA A 548 -44.91 -15.60 1.15
C ALA A 548 -45.65 -16.67 1.96
N ASN A 549 -45.00 -17.82 2.14
CA ASN A 549 -45.61 -18.90 2.92
C ASN A 549 -45.87 -18.47 4.35
N MET A 550 -44.89 -17.81 4.98
CA MET A 550 -45.03 -17.30 6.33
C MET A 550 -44.46 -15.89 6.39
N VAL A 551 -44.86 -15.14 7.41
CA VAL A 551 -44.42 -13.77 7.59
C VAL A 551 -44.11 -13.55 9.07
N ALA A 552 -43.07 -12.75 9.34
CA ALA A 552 -42.66 -12.44 10.70
C ALA A 552 -42.40 -10.94 10.81
N VAL A 553 -42.78 -10.37 11.95
CA VAL A 553 -42.61 -8.94 12.20
C VAL A 553 -41.54 -8.79 13.28
N LEU A 554 -40.54 -7.95 12.99
CA LEU A 554 -39.44 -7.70 13.90
C LEU A 554 -39.63 -6.34 14.56
N ASP A 555 -39.97 -6.33 15.84
CA ASP A 555 -40.20 -5.11 16.60
C ASP A 555 -39.22 -5.04 17.76
N GLN A 556 -38.50 -3.92 17.85
CA GLN A 556 -37.53 -3.70 18.93
C GLN A 556 -36.51 -4.85 18.99
N GLY A 557 -36.06 -5.28 17.81
CA GLY A 557 -35.09 -6.36 17.74
C GLY A 557 -35.61 -7.65 18.34
N LYS A 558 -36.83 -8.02 17.99
CA LYS A 558 -37.45 -9.23 18.53
C LYS A 558 -38.53 -9.70 17.57
N ILE A 559 -38.86 -10.98 17.67
CA ILE A 559 -39.94 -11.56 16.85
C ILE A 559 -41.21 -11.41 17.66
N THR A 560 -41.82 -10.22 17.56
CA THR A 560 -43.02 -9.93 18.34
C THR A 560 -44.19 -10.80 17.91
N GLU A 561 -44.39 -10.95 16.60
CA GLU A 561 -45.52 -11.70 16.07
C GLU A 561 -45.04 -12.69 15.01
N TYR A 562 -45.78 -13.78 14.88
CA TYR A 562 -45.50 -14.80 13.88
C TYR A 562 -46.82 -15.37 13.38
N GLY A 563 -47.11 -15.15 12.10
CA GLY A 563 -48.33 -15.67 11.52
C GLY A 563 -48.32 -15.52 10.01
N LYS A 564 -49.20 -16.28 9.37
CA LYS A 564 -49.34 -16.22 7.93
C LYS A 564 -49.93 -14.88 7.51
N HIS A 565 -50.08 -14.69 6.20
CA HIS A 565 -50.61 -13.43 5.69
C HIS A 565 -52.02 -13.18 6.20
N GLU A 566 -52.86 -14.21 6.22
CA GLU A 566 -54.24 -14.08 6.66
C GLU A 566 -54.41 -14.29 8.16
N GLU A 567 -53.41 -14.86 8.84
CA GLU A 567 -53.52 -15.08 10.28
C GLU A 567 -53.58 -13.76 11.04
N LEU A 568 -52.64 -12.85 10.75
CA LEU A 568 -52.63 -11.55 11.42
C LEU A 568 -53.72 -10.64 10.87
N LEU A 569 -53.99 -10.70 9.56
CA LEU A 569 -55.00 -9.84 8.98
C LEU A 569 -56.40 -10.19 9.48
N SER A 570 -56.66 -11.47 9.74
CA SER A 570 -57.97 -11.90 10.21
C SER A 570 -58.14 -11.76 11.72
N LYS A 571 -57.11 -11.32 12.43
CA LYS A 571 -57.21 -11.14 13.87
C LYS A 571 -58.16 -9.98 14.18
N PRO A 572 -58.81 -10.01 15.35
CA PRO A 572 -59.73 -8.92 15.70
C PRO A 572 -59.07 -7.56 15.70
N ASN A 573 -57.81 -7.46 16.10
CA ASN A 573 -57.09 -6.19 16.16
C ASN A 573 -56.57 -5.85 14.75
N GLY A 574 -57.51 -5.54 13.87
CA GLY A 574 -57.18 -5.18 12.50
C GLY A 574 -58.39 -4.75 11.69
C1 CLR B . 28.95 19.74 -3.35
C2 CLR B . 27.45 19.55 -3.14
C3 CLR B . 26.66 20.80 -3.51
C4 CLR B . 26.89 21.12 -4.98
C5 CLR B . 28.36 21.17 -5.25
C6 CLR B . 28.90 22.24 -5.86
C7 CLR B . 30.15 22.18 -6.70
C8 CLR B . 30.96 20.94 -6.37
C9 CLR B . 30.68 20.42 -4.97
C10 CLR B . 29.23 20.02 -4.81
C11 CLR B . 31.55 19.20 -4.67
C12 CLR B . 33.03 19.44 -4.95
C13 CLR B . 33.27 19.96 -6.35
C14 CLR B . 32.44 21.21 -6.49
C15 CLR B . 32.93 21.84 -7.78
C16 CLR B . 34.40 21.48 -7.81
C17 CLR B . 34.66 20.53 -6.64
C18 CLR B . 32.85 18.97 -7.44
C19 CLR B . 28.94 18.79 -5.66
C20 CLR B . 35.87 19.64 -6.97
C21 CLR B . 36.11 18.35 -6.19
C22 CLR B . 37.10 20.52 -6.76
C23 CLR B . 37.32 20.68 -5.27
C24 CLR B . 38.76 21.09 -4.98
C25 CLR B . 39.59 19.86 -4.61
C26 CLR B . 41.08 20.19 -4.62
C27 CLR B . 39.16 19.31 -3.26
O1 CLR B . 25.27 20.56 -3.27
N3 IE5 C . 30.39 23.84 -2.44
C4 IE5 C . 30.08 24.56 -3.60
C5 IE5 C . 31.04 24.83 -4.51
C6 IE5 C . 32.53 24.48 -4.29
C8 IE5 C . 34.86 21.58 -1.91
C10 IE5 C . 29.08 22.96 -0.26
C13 IE5 C . 31.90 21.93 2.01
C15 IE5 C . 27.99 24.42 -2.50
C17 IE5 C . 28.69 24.94 -3.74
C20 IE5 C . 27.66 27.99 -5.99
C21 IE5 C . 33.61 25.15 -4.85
C22 IE5 C . 33.51 26.38 -5.78
C26 IE5 C . 36.20 24.91 -4.79
C28 IE5 C . 29.45 20.50 1.75
C1' IE5 C . 35.04 20.22 0.12
CAC IE5 C . 35.84 21.29 -0.74
CAB IE5 C . 35.24 22.43 -2.89
CAA IE5 C . 34.34 23.46 -3.61
N6 IE5 C . 33.04 23.49 -3.58
C2 IE5 C . 29.13 23.68 -1.64
C11 IE5 C . 30.22 22.82 0.45
NAA IE5 C . 31.29 23.69 0.36
C12 IE5 C . 32.25 23.21 1.23
OP3 IE5 C . 33.29 23.77 1.34
C14 IE5 C . 30.41 21.65 1.43
C16 IE5 C . 26.48 24.56 -2.13
C18 IE5 C . 28.03 25.72 -4.92
C19 IE5 C . 28.45 27.20 -4.95
O5' IE5 C . 28.04 28.02 -7.17
OP1 IE5 C . 26.61 28.60 -5.66
C4' IE5 C . 33.22 25.99 -7.23
C3' IE5 C . 32.16 26.92 -7.85
O3' IE5 C . 30.93 26.62 -7.77
O5 IE5 C . 32.53 27.97 -8.42
C25 IE5 C . 34.76 24.51 -4.43
N4 IE5 C . 33.66 20.84 -1.83
C27 IE5 C . 33.78 20.09 -0.69
O2' IE5 C . 32.90 19.36 -0.37
C29 IE5 C . 32.70 21.10 3.02
C30 IE5 C . 33.68 21.63 3.75
C31 IE5 C . 37.25 21.89 -0.46
C32 IE5 C . 38.25 21.06 -0.20
C33 IE5 C . 35.46 19.54 1.44
H4 IE5 C . 28.27 22.89 0.19
H14 IE5 C . 34.33 26.89 -5.74
H13 IE5 C . 32.80 26.96 -5.45
H19 IE5 C . 36.26 25.03 -5.75
H17 IE5 C . 36.82 24.24 -4.50
H18 IE5 C . 36.41 25.75 -4.36
H21 IE5 C . 29.25 20.02 0.95
H22 IE5 C . 29.86 19.91 2.40
H23 IE5 C . 28.63 20.87 2.13
H2 IE5 C . 32.57 22.93 -3.15
H5 IE5 C . 31.38 24.40 -0.10
H7 IE5 C . 26.33 24.20 -1.24
H6 IE5 C . 25.94 24.07 -2.78
H8 IE5 C . 26.23 25.50 -2.16
H10 IE5 C . 27.07 25.67 -4.82
H9 IE5 C . 28.28 25.30 -5.75
H11 IE5 C . 29.39 27.26 -5.16
H12 IE5 C . 28.31 27.59 -4.07
H15 IE5 C . 34.04 26.05 -7.74
H16 IE5 C . 32.89 25.08 -7.25
H20 IE5 C . 33.00 20.81 -2.37
H24 IE5 C . 32.51 20.19 3.10
H26 IE5 C . 33.89 22.52 3.69
H25 IE5 C . 34.14 21.09 4.34
H27 IE5 C . 37.38 22.80 -0.49
H53 IE5 C . 38.11 20.15 -0.19
H29 IE5 C . 39.10 21.41 -0.03
H30 IE5 C . 35.81 20.20 2.05
H31 IE5 C . 36.14 18.87 1.25
H32 IE5 C . 34.69 19.09 1.84
#